data_5VED
#
_entry.id   5VED
#
_cell.length_a   62.716
_cell.length_b   62.716
_cell.length_c   177.197
_cell.angle_alpha   90.00
_cell.angle_beta   90.00
_cell.angle_gamma   90.00
#
_symmetry.space_group_name_H-M   'P 41 21 2'
#
loop_
_entity.id
_entity.type
_entity.pdbx_description
1 polymer 'Serine/threonine-protein kinase PAK 4'
2 non-polymer STAUROSPORINE
3 water water
#
_entity_poly.entity_id   1
_entity_poly.type   'polypeptide(L)'
_entity_poly.pdbx_seq_one_letter_code
;GARARQENGMPEKPPGPRSPQREPQRVSHEQFRAALQLVVDPGDPRSYLDNFIKIGEGSTGIVCIATVRSSGKLVAVKKM
DLRKQQRRELLFNEVVIMRDYQHENVVEMYNSYLVGDELWVVMEFLEGGALTDIVTHTRMNEEQIAAVCLAVLQALSVLH
AQGVIHRDIKSDSILLTHDGRVKLSDFGFCAQVSKEVPRRK(SEP)LVGTPYWMAPELISRLPYGPEVDIWSLGIMVIEM
VDGEPPYFNEPPLKAMKMIRDNLPPRLKNLHKVSPSLKGFLDRLLVRDPAQRATAAELLKHPFLAKAGPPASIVPLMRQN
RTR
;
_entity_poly.pdbx_strand_id   A
#
loop_
_chem_comp.id
_chem_comp.type
_chem_comp.name
_chem_comp.formula
STU non-polymer STAUROSPORINE 'C28 H26 N4 O3'
#
# COMPACT_ATOMS: atom_id res chain seq x y z
N SER A 28 -16.06 -9.48 25.64
CA SER A 28 -15.83 -8.52 24.56
C SER A 28 -15.19 -9.19 23.35
N HIS A 29 -14.37 -10.21 23.61
CA HIS A 29 -13.73 -10.97 22.54
C HIS A 29 -14.75 -11.77 21.74
N GLU A 30 -15.65 -12.44 22.46
CA GLU A 30 -16.68 -13.24 21.83
C GLU A 30 -17.72 -12.35 21.15
N GLN A 31 -17.81 -11.11 21.59
CA GLN A 31 -18.75 -10.15 21.01
C GLN A 31 -18.26 -9.70 19.63
N PHE A 32 -16.95 -9.63 19.46
CA PHE A 32 -16.37 -9.23 18.18
C PHE A 32 -16.33 -10.40 17.20
N ARG A 33 -16.29 -11.62 17.74
CA ARG A 33 -16.29 -12.81 16.90
C ARG A 33 -17.61 -12.98 16.17
N ALA A 34 -18.71 -12.62 16.85
CA ALA A 34 -20.05 -12.82 16.34
C ALA A 34 -20.38 -11.81 15.26
N ALA A 35 -19.87 -10.59 15.42
CA ALA A 35 -20.12 -9.51 14.48
C ALA A 35 -19.39 -9.76 13.16
N LEU A 36 -18.10 -10.06 13.25
CA LEU A 36 -17.28 -10.34 12.07
C LEU A 36 -17.77 -11.59 11.35
N GLN A 37 -18.38 -12.51 12.11
CA GLN A 37 -18.96 -13.72 11.55
C GLN A 37 -20.06 -13.43 10.53
N LEU A 38 -20.82 -12.37 10.80
CA LEU A 38 -21.94 -11.96 9.97
C LEU A 38 -21.46 -11.36 8.65
N VAL A 39 -20.18 -11.01 8.59
CA VAL A 39 -19.59 -10.38 7.42
C VAL A 39 -18.87 -11.39 6.54
N VAL A 40 -18.02 -12.21 7.14
CA VAL A 40 -17.19 -13.16 6.40
C VAL A 40 -18.02 -14.27 5.77
N ASP A 41 -17.40 -15.00 4.84
CA ASP A 41 -18.04 -16.12 4.18
C ASP A 41 -18.08 -17.34 5.09
N PRO A 42 -19.19 -18.10 5.05
CA PRO A 42 -19.33 -19.30 5.87
C PRO A 42 -18.45 -20.45 5.40
N GLY A 43 -18.05 -21.32 6.32
CA GLY A 43 -17.24 -22.48 5.97
C GLY A 43 -15.81 -22.38 6.45
N ASP A 44 -15.03 -23.41 6.15
CA ASP A 44 -13.63 -23.48 6.55
C ASP A 44 -12.74 -23.58 5.32
N PRO A 45 -11.85 -22.59 5.11
CA PRO A 45 -10.95 -22.56 3.96
C PRO A 45 -9.94 -23.69 3.96
N ARG A 46 -9.74 -24.33 5.11
CA ARG A 46 -8.82 -25.45 5.23
C ARG A 46 -9.34 -26.70 4.50
N SER A 47 -10.60 -26.64 4.09
CA SER A 47 -11.22 -27.75 3.40
C SER A 47 -10.77 -27.86 1.93
N TYR A 48 -10.23 -26.78 1.40
CA TYR A 48 -9.76 -26.77 0.02
C TYR A 48 -8.38 -26.17 -0.14
N LEU A 49 -7.78 -25.73 0.97
CA LEU A 49 -6.43 -25.20 0.94
C LEU A 49 -5.44 -26.20 1.53
N ASP A 50 -4.20 -26.13 1.07
CA ASP A 50 -3.20 -27.12 1.46
C ASP A 50 -1.79 -26.53 1.52
N ASN A 51 -0.96 -27.07 2.41
CA ASN A 51 0.45 -26.68 2.53
C ASN A 51 0.67 -25.19 2.75
N PHE A 52 0.37 -24.73 3.94
CA PHE A 52 0.57 -23.32 4.30
C PHE A 52 2.02 -23.04 4.62
N ILE A 53 2.50 -21.84 4.28
CA ILE A 53 3.86 -21.45 4.56
C ILE A 53 4.03 -19.94 4.62
N LYS A 54 4.56 -19.44 5.74
CA LYS A 54 4.75 -18.02 5.95
C LYS A 54 5.70 -17.38 4.95
N ILE A 55 5.30 -16.24 4.40
CA ILE A 55 6.15 -15.48 3.49
C ILE A 55 6.24 -14.02 3.90
N GLY A 56 5.42 -13.63 4.88
CA GLY A 56 5.40 -12.26 5.35
C GLY A 56 4.68 -12.09 6.66
N GLU A 57 4.87 -10.93 7.29
CA GLU A 57 4.23 -10.63 8.56
C GLU A 57 4.06 -9.13 8.74
N GLY A 58 2.83 -8.71 9.01
CA GLY A 58 2.52 -7.30 9.19
C GLY A 58 2.09 -6.97 10.60
N SER A 59 1.56 -5.76 10.78
CA SER A 59 1.10 -5.31 12.09
C SER A 59 -0.17 -6.06 12.50
N THR A 60 -0.99 -6.41 11.52
CA THR A 60 -2.26 -7.08 11.77
C THR A 60 -2.08 -8.58 11.96
N GLY A 61 -1.34 -9.21 11.06
CA GLY A 61 -1.13 -10.64 11.13
C GLY A 61 -0.08 -11.17 10.17
N ILE A 62 -0.12 -12.46 9.92
CA ILE A 62 0.85 -13.11 9.05
C ILE A 62 0.27 -13.38 7.67
N VAL A 63 1.15 -13.64 6.70
CA VAL A 63 0.74 -13.98 5.35
C VAL A 63 1.37 -15.29 4.91
N CYS A 64 0.55 -16.18 4.37
CA CYS A 64 1.02 -17.51 3.97
C CYS A 64 0.65 -17.87 2.54
N ILE A 65 1.51 -18.68 1.91
CA ILE A 65 1.19 -19.26 0.61
C ILE A 65 0.44 -20.57 0.80
N ALA A 66 -0.73 -20.69 0.17
CA ALA A 66 -1.51 -21.90 0.26
C ALA A 66 -1.76 -22.49 -1.13
N THR A 67 -1.91 -23.81 -1.19
CA THR A 67 -2.18 -24.48 -2.45
C THR A 67 -3.63 -24.95 -2.52
N VAL A 68 -4.32 -24.58 -3.60
CA VAL A 68 -5.68 -25.05 -3.82
C VAL A 68 -5.64 -26.54 -4.15
N ARG A 69 -6.21 -27.34 -3.26
CA ARG A 69 -6.11 -28.80 -3.32
C ARG A 69 -6.67 -29.38 -4.63
N SER A 70 -7.71 -28.74 -5.16
CA SER A 70 -8.40 -29.26 -6.34
C SER A 70 -7.64 -29.01 -7.64
N SER A 71 -6.97 -27.87 -7.73
CA SER A 71 -6.30 -27.47 -8.97
C SER A 71 -4.78 -27.48 -8.84
N GLY A 72 -4.28 -27.00 -7.71
CA GLY A 72 -2.85 -26.91 -7.49
C GLY A 72 -2.36 -25.47 -7.62
N LYS A 73 -3.29 -24.55 -7.82
CA LYS A 73 -2.96 -23.14 -7.94
C LYS A 73 -2.59 -22.55 -6.58
N LEU A 74 -1.73 -21.55 -6.58
CA LEU A 74 -1.28 -20.92 -5.36
C LEU A 74 -2.08 -19.65 -5.05
N VAL A 75 -2.40 -19.46 -3.77
CA VAL A 75 -3.07 -18.25 -3.32
C VAL A 75 -2.36 -17.70 -2.09
N ALA A 76 -2.75 -16.49 -1.68
CA ALA A 76 -2.18 -15.88 -0.49
C ALA A 76 -3.24 -15.79 0.61
N VAL A 77 -2.87 -16.22 1.81
CA VAL A 77 -3.79 -16.20 2.94
C VAL A 77 -3.28 -15.31 4.06
N LYS A 78 -4.14 -14.42 4.54
CA LYS A 78 -3.77 -13.50 5.61
C LYS A 78 -4.44 -13.88 6.92
N LYS A 79 -3.65 -14.46 7.82
CA LYS A 79 -4.17 -14.90 9.12
C LYS A 79 -4.00 -13.80 10.18
N MET A 80 -5.08 -13.48 10.87
CA MET A 80 -5.06 -12.43 11.88
C MET A 80 -5.77 -12.86 13.16
N ASP A 81 -5.00 -13.05 14.22
CA ASP A 81 -5.57 -13.43 15.52
C ASP A 81 -6.35 -12.25 16.11
N LEU A 82 -7.59 -12.52 16.49
CA LEU A 82 -8.49 -11.47 16.96
C LEU A 82 -8.10 -10.93 18.33
N ARG A 83 -7.56 -11.80 19.17
CA ARG A 83 -7.18 -11.42 20.54
C ARG A 83 -5.73 -10.95 20.63
N LYS A 84 -5.22 -10.39 19.54
CA LYS A 84 -3.84 -9.93 19.51
C LYS A 84 -3.68 -8.61 18.74
N GLN A 85 -4.77 -7.85 18.63
CA GLN A 85 -4.75 -6.61 17.87
C GLN A 85 -5.03 -5.40 18.74
N GLN A 86 -4.61 -4.22 18.27
CA GLN A 86 -4.85 -2.98 18.98
C GLN A 86 -6.26 -2.45 18.73
N ARG A 87 -6.43 -1.77 17.60
CA ARG A 87 -7.70 -1.14 17.27
C ARG A 87 -8.78 -2.17 16.95
N ARG A 88 -8.37 -3.34 16.49
CA ARG A 88 -9.28 -4.46 16.21
C ARG A 88 -10.31 -4.16 15.11
N GLU A 89 -10.90 -2.97 15.16
CA GLU A 89 -11.93 -2.58 14.21
C GLU A 89 -11.37 -2.28 12.82
N LEU A 90 -10.04 -2.27 12.70
CA LEU A 90 -9.42 -2.07 11.39
C LEU A 90 -9.41 -3.37 10.60
N LEU A 91 -9.56 -4.49 11.29
CA LEU A 91 -9.76 -5.78 10.63
C LEU A 91 -11.11 -5.74 9.95
N PHE A 92 -12.06 -5.07 10.59
CA PHE A 92 -13.39 -4.86 10.05
C PHE A 92 -13.33 -3.95 8.83
N ASN A 93 -12.43 -2.97 8.88
CA ASN A 93 -12.27 -1.99 7.80
C ASN A 93 -11.88 -2.62 6.47
N GLU A 94 -10.79 -3.38 6.47
CA GLU A 94 -10.28 -4.00 5.25
C GLU A 94 -11.31 -4.94 4.62
N VAL A 95 -11.98 -5.71 5.47
CA VAL A 95 -12.95 -6.68 4.98
C VAL A 95 -14.19 -6.02 4.40
N VAL A 96 -14.73 -5.03 5.10
CA VAL A 96 -15.94 -4.35 4.66
C VAL A 96 -15.72 -3.52 3.39
N ILE A 97 -14.72 -2.64 3.43
CA ILE A 97 -14.48 -1.71 2.34
C ILE A 97 -14.01 -2.41 1.06
N MET A 98 -13.15 -3.40 1.20
CA MET A 98 -12.54 -4.07 0.05
C MET A 98 -13.11 -5.46 -0.20
N ARG A 99 -14.36 -5.68 0.16
CA ARG A 99 -14.96 -7.01 0.04
C ARG A 99 -15.22 -7.40 -1.40
N ASP A 100 -15.50 -6.41 -2.25
CA ASP A 100 -15.89 -6.67 -3.63
C ASP A 100 -15.12 -5.80 -4.61
N TYR A 101 -14.20 -5.01 -4.08
CA TYR A 101 -13.44 -4.08 -4.90
C TYR A 101 -12.57 -4.81 -5.93
N GLN A 102 -12.69 -4.40 -7.19
CA GLN A 102 -11.91 -5.00 -8.26
C GLN A 102 -11.20 -3.94 -9.09
N HIS A 103 -9.88 -4.04 -9.16
CA HIS A 103 -9.08 -3.16 -9.98
C HIS A 103 -7.79 -3.87 -10.37
N GLU A 104 -7.27 -3.58 -11.56
CA GLU A 104 -6.09 -4.26 -12.08
C GLU A 104 -4.86 -4.00 -11.21
N ASN A 105 -4.75 -2.79 -10.68
CA ASN A 105 -3.60 -2.41 -9.88
C ASN A 105 -3.87 -2.50 -8.39
N VAL A 106 -4.82 -3.35 -8.01
CA VAL A 106 -5.16 -3.58 -6.61
C VAL A 106 -5.27 -5.07 -6.32
N VAL A 107 -4.57 -5.54 -5.30
CA VAL A 107 -4.62 -6.95 -4.91
C VAL A 107 -6.04 -7.35 -4.54
N GLU A 108 -6.59 -8.29 -5.29
CA GLU A 108 -7.99 -8.69 -5.12
C GLU A 108 -8.20 -9.56 -3.89
N MET A 109 -9.26 -9.26 -3.15
CA MET A 109 -9.66 -10.04 -1.99
C MET A 109 -10.78 -11.01 -2.36
N TYR A 110 -10.45 -12.30 -2.44
CA TYR A 110 -11.40 -13.31 -2.87
C TYR A 110 -12.46 -13.61 -1.81
N ASN A 111 -12.02 -14.18 -0.68
CA ASN A 111 -12.94 -14.53 0.39
C ASN A 111 -12.35 -14.26 1.77
N SER A 112 -13.23 -14.18 2.77
CA SER A 112 -12.82 -14.01 4.15
C SER A 112 -13.50 -15.06 5.02
N TYR A 113 -12.77 -15.60 5.98
CA TYR A 113 -13.31 -16.65 6.84
C TYR A 113 -12.95 -16.42 8.30
N LEU A 114 -13.80 -16.96 9.19
CA LEU A 114 -13.52 -16.92 10.62
C LEU A 114 -13.09 -18.31 11.10
N VAL A 115 -11.79 -18.50 11.23
CA VAL A 115 -11.24 -19.78 11.65
C VAL A 115 -10.79 -19.73 13.11
N GLY A 116 -11.60 -20.30 13.99
CA GLY A 116 -11.32 -20.28 15.41
C GLY A 116 -11.34 -18.86 15.95
N ASP A 117 -10.18 -18.39 16.41
CA ASP A 117 -10.05 -17.02 16.91
C ASP A 117 -9.23 -16.18 15.94
N GLU A 118 -9.17 -16.61 14.68
CA GLU A 118 -8.40 -15.92 13.67
C GLU A 118 -9.24 -15.54 12.46
N LEU A 119 -8.94 -14.38 11.87
CA LEU A 119 -9.59 -13.95 10.66
C LEU A 119 -8.71 -14.25 9.45
N TRP A 120 -9.17 -15.15 8.59
CA TRP A 120 -8.42 -15.51 7.39
C TRP A 120 -8.97 -14.81 6.16
N VAL A 121 -8.08 -14.25 5.35
CA VAL A 121 -8.47 -13.60 4.11
C VAL A 121 -7.70 -14.19 2.93
N VAL A 122 -8.43 -14.81 2.00
CA VAL A 122 -7.81 -15.38 0.82
C VAL A 122 -7.68 -14.32 -0.27
N MET A 123 -6.45 -13.99 -0.61
CA MET A 123 -6.18 -12.95 -1.61
C MET A 123 -5.42 -13.52 -2.80
N GLU A 124 -5.33 -12.73 -3.87
CA GLU A 124 -4.56 -13.15 -5.03
C GLU A 124 -3.07 -13.15 -4.70
N PHE A 125 -2.36 -14.17 -5.18
CA PHE A 125 -0.95 -14.32 -4.88
C PHE A 125 -0.07 -13.65 -5.92
N LEU A 126 0.69 -12.66 -5.49
CA LEU A 126 1.63 -11.98 -6.37
C LEU A 126 3.04 -12.53 -6.18
N GLU A 127 3.48 -13.34 -7.14
CA GLU A 127 4.72 -14.09 -7.03
C GLU A 127 5.97 -13.20 -7.02
N GLY A 128 5.84 -11.99 -7.56
CA GLY A 128 6.97 -11.10 -7.69
C GLY A 128 7.49 -10.55 -6.37
N GLY A 129 6.66 -10.60 -5.34
CA GLY A 129 7.05 -10.10 -4.03
C GLY A 129 6.88 -8.61 -3.88
N ALA A 130 7.41 -8.06 -2.80
CA ALA A 130 7.26 -6.64 -2.51
C ALA A 130 8.30 -5.78 -3.21
N LEU A 131 7.99 -4.49 -3.35
CA LEU A 131 8.90 -3.55 -4.00
C LEU A 131 10.08 -3.22 -3.11
N THR A 132 9.91 -3.42 -1.81
CA THR A 132 10.95 -3.12 -0.82
C THR A 132 12.21 -3.93 -1.07
N ASP A 133 12.04 -5.20 -1.45
CA ASP A 133 13.16 -6.08 -1.73
C ASP A 133 13.99 -5.57 -2.91
N ILE A 134 13.36 -4.80 -3.79
CA ILE A 134 14.02 -4.28 -4.97
C ILE A 134 14.77 -2.97 -4.68
N VAL A 135 14.09 -2.05 -3.99
CA VAL A 135 14.66 -0.72 -3.73
C VAL A 135 15.83 -0.77 -2.74
N THR A 136 15.97 -1.87 -2.02
CA THR A 136 17.01 -1.99 -1.02
C THR A 136 18.18 -2.86 -1.50
N HIS A 137 17.99 -3.55 -2.61
CA HIS A 137 19.03 -4.43 -3.14
C HIS A 137 19.58 -3.95 -4.48
N THR A 138 18.72 -3.35 -5.31
CA THR A 138 19.15 -2.84 -6.60
C THR A 138 18.61 -1.43 -6.86
N ARG A 139 19.01 -0.85 -7.99
CA ARG A 139 18.58 0.49 -8.36
C ARG A 139 17.72 0.47 -9.62
N MET A 140 16.62 1.22 -9.58
CA MET A 140 15.69 1.28 -10.69
C MET A 140 15.99 2.47 -11.59
N ASN A 141 15.76 2.31 -12.89
CA ASN A 141 15.87 3.43 -13.82
C ASN A 141 14.55 4.18 -13.87
N GLU A 142 14.54 5.34 -14.54
CA GLU A 142 13.36 6.19 -14.56
C GLU A 142 12.22 5.58 -15.37
N GLU A 143 12.55 4.60 -16.20
CA GLU A 143 11.54 3.86 -16.95
C GLU A 143 10.73 2.98 -16.02
N GLN A 144 11.42 2.28 -15.13
CA GLN A 144 10.77 1.38 -14.18
C GLN A 144 10.07 2.15 -13.07
N ILE A 145 10.65 3.28 -12.66
CA ILE A 145 10.07 4.12 -11.64
C ILE A 145 8.74 4.71 -12.10
N ALA A 146 8.72 5.20 -13.35
CA ALA A 146 7.51 5.76 -13.93
C ALA A 146 6.42 4.70 -14.07
N ALA A 147 6.83 3.48 -14.37
CA ALA A 147 5.89 2.37 -14.52
C ALA A 147 5.22 2.05 -13.20
N VAL A 148 5.99 2.13 -12.11
CA VAL A 148 5.45 1.91 -10.77
C VAL A 148 4.48 3.01 -10.38
N CYS A 149 4.89 4.26 -10.59
CA CYS A 149 4.05 5.41 -10.25
C CYS A 149 2.77 5.45 -11.07
N LEU A 150 2.86 5.05 -12.32
CA LEU A 150 1.70 5.02 -13.21
C LEU A 150 0.65 4.05 -12.68
N ALA A 151 1.09 2.86 -12.30
CA ALA A 151 0.19 1.84 -11.79
C ALA A 151 -0.46 2.25 -10.47
N VAL A 152 0.34 2.84 -9.58
CA VAL A 152 -0.16 3.28 -8.29
C VAL A 152 -1.18 4.41 -8.46
N LEU A 153 -0.84 5.38 -9.31
CA LEU A 153 -1.73 6.51 -9.56
C LEU A 153 -3.03 6.07 -10.23
N GLN A 154 -2.95 5.02 -11.05
CA GLN A 154 -4.15 4.45 -11.67
C GLN A 154 -5.08 3.87 -10.61
N ALA A 155 -4.49 3.25 -9.60
CA ALA A 155 -5.26 2.65 -8.51
C ALA A 155 -5.81 3.72 -7.58
N LEU A 156 -4.98 4.72 -7.28
CA LEU A 156 -5.37 5.80 -6.37
C LEU A 156 -6.48 6.67 -6.97
N SER A 157 -6.39 6.92 -8.27
CA SER A 157 -7.37 7.77 -8.95
C SER A 157 -8.77 7.16 -8.90
N VAL A 158 -8.85 5.84 -8.95
CA VAL A 158 -10.13 5.14 -8.85
C VAL A 158 -10.58 5.05 -7.39
N LEU A 159 -9.63 4.81 -6.49
CA LEU A 159 -9.92 4.72 -5.06
C LEU A 159 -10.39 6.07 -4.50
N HIS A 160 -9.70 7.14 -4.88
CA HIS A 160 -10.04 8.47 -4.39
C HIS A 160 -11.37 8.95 -4.97
N ALA A 161 -11.68 8.52 -6.18
CA ALA A 161 -12.92 8.90 -6.83
C ALA A 161 -14.12 8.26 -6.14
N GLN A 162 -13.89 7.14 -5.45
CA GLN A 162 -14.94 6.45 -4.73
C GLN A 162 -14.86 6.74 -3.24
N GLY A 163 -13.94 7.61 -2.86
CA GLY A 163 -13.86 8.09 -1.49
C GLY A 163 -13.02 7.24 -0.55
N VAL A 164 -12.19 6.36 -1.12
CA VAL A 164 -11.34 5.51 -0.30
C VAL A 164 -9.90 6.03 -0.25
N ILE A 165 -9.38 6.17 0.96
CA ILE A 165 -8.01 6.62 1.16
C ILE A 165 -7.17 5.50 1.78
N HIS A 166 -6.03 5.21 1.17
CA HIS A 166 -5.18 4.09 1.60
C HIS A 166 -4.50 4.39 2.94
N ARG A 167 -3.92 5.57 3.05
CA ARG A 167 -3.28 6.05 4.27
C ARG A 167 -2.11 5.20 4.75
N ASP A 168 -1.51 4.43 3.84
CA ASP A 168 -0.32 3.65 4.17
C ASP A 168 0.46 3.30 2.91
N ILE A 169 0.60 4.28 2.01
CA ILE A 169 1.32 4.08 0.77
C ILE A 169 2.83 4.07 0.99
N LYS A 170 3.46 2.95 0.68
CA LYS A 170 4.90 2.82 0.73
C LYS A 170 5.36 1.60 -0.07
N SER A 171 6.66 1.45 -0.24
CA SER A 171 7.20 0.34 -1.03
C SER A 171 6.84 -1.01 -0.43
N ASP A 172 6.60 -1.02 0.87
CA ASP A 172 6.22 -2.24 1.57
C ASP A 172 4.82 -2.70 1.16
N SER A 173 3.96 -1.76 0.84
CA SER A 173 2.57 -2.06 0.49
C SER A 173 2.40 -2.33 -1.00
N ILE A 174 3.50 -2.27 -1.74
CA ILE A 174 3.47 -2.49 -3.18
C ILE A 174 3.97 -3.88 -3.54
N LEU A 175 3.19 -4.61 -4.33
CA LEU A 175 3.55 -5.96 -4.74
C LEU A 175 3.58 -6.11 -6.25
N LEU A 176 4.32 -7.10 -6.73
CA LEU A 176 4.47 -7.32 -8.17
C LEU A 176 4.05 -8.74 -8.57
N THR A 177 3.58 -8.88 -9.80
CA THR A 177 3.32 -10.20 -10.36
C THR A 177 4.61 -10.74 -10.96
N HIS A 178 4.57 -11.98 -11.44
CA HIS A 178 5.77 -12.61 -11.99
C HIS A 178 6.17 -12.00 -13.32
N ASP A 179 5.23 -11.35 -13.99
CA ASP A 179 5.50 -10.73 -15.28
C ASP A 179 5.67 -9.21 -15.14
N GLY A 180 5.76 -8.74 -13.91
CA GLY A 180 6.12 -7.35 -13.65
C GLY A 180 4.97 -6.36 -13.57
N ARG A 181 3.76 -6.84 -13.28
CA ARG A 181 2.63 -5.94 -13.09
C ARG A 181 2.57 -5.45 -11.65
N VAL A 182 2.33 -4.15 -11.48
CA VAL A 182 2.34 -3.53 -10.15
C VAL A 182 0.95 -3.42 -9.57
N LYS A 183 0.78 -3.88 -8.33
CA LYS A 183 -0.51 -3.81 -7.66
C LYS A 183 -0.38 -3.27 -6.24
N LEU A 184 -1.45 -2.63 -5.75
CA LEU A 184 -1.46 -2.05 -4.42
C LEU A 184 -2.13 -3.00 -3.42
N SER A 185 -1.54 -3.11 -2.23
CA SER A 185 -2.08 -3.99 -1.19
C SER A 185 -2.06 -3.34 0.18
N ASP A 186 -2.34 -4.15 1.21
CA ASP A 186 -2.31 -3.71 2.60
C ASP A 186 -3.27 -2.54 2.85
N PHE A 187 -4.56 -2.83 2.87
CA PHE A 187 -5.58 -1.81 3.12
C PHE A 187 -6.07 -1.84 4.56
N GLY A 188 -5.14 -2.08 5.49
CA GLY A 188 -5.50 -2.17 6.90
C GLY A 188 -5.84 -0.82 7.51
N PHE A 189 -5.22 0.23 7.02
CA PHE A 189 -5.41 1.58 7.57
C PHE A 189 -6.37 2.41 6.72
N CYS A 190 -7.02 1.77 5.75
CA CYS A 190 -7.88 2.50 4.82
C CYS A 190 -9.13 3.07 5.48
N ALA A 191 -9.64 4.16 4.93
CA ALA A 191 -10.84 4.80 5.45
C ALA A 191 -11.68 5.38 4.31
N GLN A 192 -12.89 5.82 4.63
CA GLN A 192 -13.79 6.35 3.62
C GLN A 192 -14.15 7.81 3.88
N VAL A 193 -14.27 8.57 2.80
CA VAL A 193 -14.73 9.96 2.87
C VAL A 193 -15.89 10.17 1.91
N SER A 194 -16.69 11.21 2.17
CA SER A 194 -17.85 11.50 1.34
C SER A 194 -18.20 12.98 1.36
N LYS A 195 -19.36 13.32 0.82
CA LYS A 195 -19.83 14.70 0.82
C LYS A 195 -20.12 15.17 2.25
N GLU A 196 -20.71 14.28 3.04
CA GLU A 196 -21.04 14.60 4.42
C GLU A 196 -19.79 14.70 5.27
N VAL A 197 -18.91 13.71 5.15
CA VAL A 197 -17.64 13.72 5.87
C VAL A 197 -16.48 13.64 4.88
N PRO A 198 -15.96 14.81 4.47
CA PRO A 198 -14.89 14.88 3.47
C PRO A 198 -13.49 14.71 4.05
N ARG A 199 -13.37 14.77 5.37
CA ARG A 199 -12.07 14.72 6.01
C ARG A 199 -11.95 13.62 7.07
N ARG A 200 -10.75 13.08 7.20
CA ARG A 200 -10.46 12.13 8.28
C ARG A 200 -9.60 12.84 9.33
N LYS A 201 -9.51 12.25 10.53
CA LYS A 201 -8.78 12.89 11.62
C LYS A 201 -7.82 11.93 12.33
N SEP A 202 -7.90 10.65 11.98
CA SEP A 202 -7.11 9.62 12.67
CB SEP A 202 -7.65 8.23 12.34
OG SEP A 202 -8.97 8.08 12.81
C SEP A 202 -5.62 9.70 12.34
O SEP A 202 -5.23 10.02 11.22
P SEP A 202 -9.92 7.59 11.59
O1P SEP A 202 -9.56 6.07 11.21
O2P SEP A 202 -9.66 8.54 10.32
O3P SEP A 202 -11.46 7.69 12.03
N LEU A 203 -4.79 9.39 13.32
CA LEU A 203 -3.34 9.36 13.14
C LEU A 203 -2.86 7.95 12.84
N VAL A 204 -2.79 7.61 11.56
CA VAL A 204 -2.40 6.26 11.15
C VAL A 204 -1.35 6.28 10.04
N GLY A 205 -0.78 5.12 9.74
CA GLY A 205 0.21 4.99 8.71
C GLY A 205 1.60 4.71 9.27
N THR A 206 2.61 4.83 8.41
CA THR A 206 3.99 4.65 8.83
C THR A 206 4.69 6.01 8.88
N PRO A 207 5.25 6.36 10.05
CA PRO A 207 5.83 7.67 10.38
C PRO A 207 6.61 8.35 9.25
N TYR A 208 7.50 7.61 8.60
CA TYR A 208 8.38 8.19 7.58
C TYR A 208 7.64 8.56 6.30
N TRP A 209 6.47 7.98 6.10
CA TRP A 209 5.68 8.22 4.89
C TRP A 209 4.48 9.13 5.14
N MET A 210 4.32 9.58 6.38
CA MET A 210 3.16 10.39 6.76
C MET A 210 3.23 11.81 6.19
N ALA A 211 2.08 12.34 5.80
CA ALA A 211 1.98 13.71 5.31
C ALA A 211 2.04 14.69 6.46
N PRO A 212 2.56 15.91 6.20
CA PRO A 212 2.67 16.95 7.24
C PRO A 212 1.35 17.30 7.90
N GLU A 213 0.27 17.37 7.13
CA GLU A 213 -1.03 17.74 7.67
C GLU A 213 -1.62 16.60 8.50
N LEU A 214 -1.14 15.38 8.26
CA LEU A 214 -1.60 14.22 9.02
C LEU A 214 -0.91 14.19 10.38
N ILE A 215 0.37 14.54 10.39
CA ILE A 215 1.14 14.58 11.63
C ILE A 215 0.69 15.75 12.50
N SER A 216 0.30 16.85 11.86
CA SER A 216 -0.16 18.05 12.55
C SER A 216 -1.58 17.89 13.06
N ARG A 217 -2.15 16.71 12.88
CA ARG A 217 -3.50 16.38 13.31
C ARG A 217 -4.54 17.31 12.70
N LEU A 218 -4.31 17.70 11.45
CA LEU A 218 -5.28 18.51 10.71
C LEU A 218 -6.21 17.59 9.93
N PRO A 219 -7.47 18.00 9.77
CA PRO A 219 -8.43 17.24 8.93
C PRO A 219 -7.91 17.08 7.51
N TYR A 220 -7.63 15.84 7.11
CA TYR A 220 -7.02 15.59 5.81
C TYR A 220 -7.91 14.74 4.90
N GLY A 221 -7.56 14.70 3.61
CA GLY A 221 -8.28 13.91 2.64
C GLY A 221 -7.36 12.96 1.90
N PRO A 222 -7.71 12.62 0.65
CA PRO A 222 -6.94 11.70 -0.18
C PRO A 222 -5.55 12.23 -0.56
N GLU A 223 -5.27 13.48 -0.22
CA GLU A 223 -4.00 14.11 -0.59
C GLU A 223 -2.82 13.47 0.14
N VAL A 224 -3.09 12.82 1.26
CA VAL A 224 -2.04 12.21 2.06
C VAL A 224 -1.40 11.02 1.35
N ASP A 225 -2.15 10.40 0.45
CA ASP A 225 -1.63 9.29 -0.35
C ASP A 225 -0.64 9.81 -1.39
N ILE A 226 -0.89 11.03 -1.87
CA ILE A 226 -0.03 11.66 -2.86
C ILE A 226 1.34 11.98 -2.27
N TRP A 227 1.34 12.50 -1.05
CA TRP A 227 2.58 12.79 -0.34
C TRP A 227 3.35 11.51 -0.07
N SER A 228 2.64 10.48 0.39
CA SER A 228 3.25 9.19 0.69
C SER A 228 3.87 8.57 -0.55
N LEU A 229 3.21 8.78 -1.69
CA LEU A 229 3.74 8.32 -2.97
C LEU A 229 5.02 9.06 -3.31
N GLY A 230 5.07 10.34 -2.94
CA GLY A 230 6.25 11.16 -3.16
C GLY A 230 7.44 10.63 -2.37
N ILE A 231 7.17 10.12 -1.18
CA ILE A 231 8.20 9.53 -0.34
C ILE A 231 8.67 8.20 -0.93
N MET A 232 7.75 7.48 -1.54
CA MET A 232 8.08 6.19 -2.16
C MET A 232 8.93 6.40 -3.40
N VAL A 233 8.80 7.55 -4.04
CA VAL A 233 9.66 7.90 -5.17
C VAL A 233 11.09 8.11 -4.67
N ILE A 234 11.23 8.74 -3.51
CA ILE A 234 12.53 8.93 -2.88
C ILE A 234 13.13 7.57 -2.54
N GLU A 235 12.28 6.62 -2.15
CA GLU A 235 12.70 5.26 -1.87
C GLU A 235 13.31 4.60 -3.11
N MET A 236 12.66 4.79 -4.25
CA MET A 236 13.10 4.16 -5.49
C MET A 236 14.35 4.82 -6.05
N VAL A 237 14.69 6.00 -5.53
CA VAL A 237 15.86 6.73 -5.99
C VAL A 237 17.03 6.59 -5.01
N ASP A 238 16.76 6.83 -3.72
CA ASP A 238 17.81 6.83 -2.70
C ASP A 238 17.95 5.49 -1.99
N GLY A 239 16.86 4.72 -1.96
CA GLY A 239 16.88 3.42 -1.32
C GLY A 239 16.16 3.40 0.01
N GLU A 240 15.88 4.58 0.55
CA GLU A 240 15.22 4.70 1.84
C GLU A 240 14.53 6.05 1.97
N PRO A 241 13.45 6.11 2.77
CA PRO A 241 12.75 7.38 3.02
C PRO A 241 13.60 8.35 3.82
N PRO A 242 13.25 9.66 3.77
CA PRO A 242 13.99 10.68 4.53
C PRO A 242 13.94 10.44 6.03
N TYR A 243 15.01 10.83 6.73
CA TYR A 243 15.12 10.70 8.18
C TYR A 243 14.91 9.27 8.65
N PHE A 244 15.31 8.30 7.83
CA PHE A 244 15.10 6.89 8.12
C PHE A 244 15.98 6.41 9.28
N ASN A 245 17.07 7.12 9.52
CA ASN A 245 17.97 6.78 10.62
C ASN A 245 17.46 7.31 11.95
N GLU A 246 16.72 8.41 11.90
CA GLU A 246 16.17 9.03 13.10
C GLU A 246 15.06 8.18 13.70
N PRO A 247 14.87 8.28 15.03
CA PRO A 247 13.73 7.63 15.70
C PRO A 247 12.40 8.07 15.11
N PRO A 248 11.41 7.17 15.05
CA PRO A 248 10.09 7.42 14.45
C PRO A 248 9.43 8.69 14.98
N LEU A 249 9.44 8.89 16.29
CA LEU A 249 8.82 10.05 16.90
C LEU A 249 9.56 11.33 16.52
N LYS A 250 10.87 11.23 16.33
CA LYS A 250 11.70 12.38 15.98
C LYS A 250 11.52 12.76 14.51
N ALA A 251 11.42 11.76 13.65
CA ALA A 251 11.30 11.97 12.22
C ALA A 251 9.99 12.67 11.86
N MET A 252 8.92 12.33 12.58
CA MET A 252 7.60 12.91 12.33
C MET A 252 7.57 14.40 12.63
N LYS A 253 8.35 14.81 13.63
CA LYS A 253 8.44 16.22 13.98
C LYS A 253 9.17 16.99 12.88
N MET A 254 10.16 16.34 12.26
CA MET A 254 10.93 16.95 11.19
C MET A 254 10.07 17.16 9.94
N ILE A 255 9.25 16.17 9.62
CA ILE A 255 8.33 16.26 8.48
C ILE A 255 7.30 17.36 8.73
N ARG A 256 6.91 17.50 9.99
CA ARG A 256 5.90 18.47 10.37
C ARG A 256 6.39 19.90 10.30
N ASP A 257 7.65 20.12 10.66
CA ASP A 257 8.18 21.47 10.79
C ASP A 257 9.02 21.93 9.59
N ASN A 258 9.85 21.04 9.07
CA ASN A 258 10.81 21.41 8.03
C ASN A 258 10.20 21.49 6.63
N LEU A 259 10.97 22.05 5.71
CA LEU A 259 10.60 22.12 4.29
C LEU A 259 10.52 20.71 3.71
N PRO A 260 9.82 20.55 2.56
CA PRO A 260 9.73 19.25 1.89
C PRO A 260 11.08 18.58 1.69
N PRO A 261 11.18 17.29 1.99
CA PRO A 261 12.45 16.54 1.90
C PRO A 261 12.97 16.47 0.47
N ARG A 262 14.29 16.55 0.33
CA ARG A 262 14.91 16.54 -0.99
C ARG A 262 15.70 15.25 -1.23
N LEU A 263 16.04 15.00 -2.48
CA LEU A 263 16.77 13.79 -2.86
C LEU A 263 18.26 13.94 -2.59
N LYS A 264 18.86 12.92 -2.00
CA LYS A 264 20.31 12.88 -1.81
C LYS A 264 20.99 12.71 -3.16
N ASN A 265 20.39 11.89 -4.01
CA ASN A 265 20.90 11.65 -5.35
C ASN A 265 20.12 12.45 -6.39
N LEU A 266 20.06 13.76 -6.20
CA LEU A 266 19.37 14.65 -7.13
C LEU A 266 20.09 14.68 -8.48
N HIS A 267 21.40 14.45 -8.44
CA HIS A 267 22.22 14.48 -9.65
C HIS A 267 21.98 13.27 -10.55
N LYS A 268 21.43 12.20 -9.97
CA LYS A 268 21.12 11.00 -10.73
C LYS A 268 19.70 11.04 -11.28
N VAL A 269 19.04 12.18 -11.10
CA VAL A 269 17.63 12.31 -11.45
C VAL A 269 17.40 13.32 -12.58
N SER A 270 16.67 12.89 -13.61
CA SER A 270 16.32 13.76 -14.72
C SER A 270 15.40 14.89 -14.26
N PRO A 271 15.43 16.03 -14.96
CA PRO A 271 14.56 17.16 -14.60
C PRO A 271 13.07 16.83 -14.71
N SER A 272 12.73 15.81 -15.49
CA SER A 272 11.33 15.39 -15.64
C SER A 272 10.83 14.72 -14.36
N LEU A 273 11.67 13.90 -13.76
CA LEU A 273 11.32 13.21 -12.52
C LEU A 273 11.29 14.21 -11.36
N LYS A 274 12.20 15.17 -11.39
CA LYS A 274 12.27 16.21 -10.37
C LYS A 274 10.98 17.03 -10.32
N GLY A 275 10.53 17.47 -11.50
CA GLY A 275 9.31 18.25 -11.60
C GLY A 275 8.09 17.45 -11.16
N PHE A 276 8.11 16.16 -11.45
CA PHE A 276 7.03 15.26 -11.05
C PHE A 276 7.00 15.12 -9.53
N LEU A 277 8.18 15.04 -8.92
CA LEU A 277 8.29 14.89 -7.48
C LEU A 277 7.88 16.17 -6.75
N ASP A 278 8.10 17.32 -7.41
CA ASP A 278 7.75 18.61 -6.83
C ASP A 278 6.24 18.82 -6.76
N ARG A 279 5.50 18.06 -7.55
CA ARG A 279 4.05 18.10 -7.52
C ARG A 279 3.51 17.18 -6.43
N LEU A 280 4.37 16.28 -5.96
CA LEU A 280 3.99 15.32 -4.94
C LEU A 280 4.27 15.84 -3.53
N LEU A 281 5.50 16.25 -3.29
CA LEU A 281 5.94 16.68 -1.97
C LEU A 281 5.63 18.15 -1.69
N VAL A 282 4.35 18.50 -1.71
CA VAL A 282 3.92 19.86 -1.40
C VAL A 282 3.29 19.89 0.00
N ARG A 283 3.75 20.80 0.84
CA ARG A 283 3.24 20.89 2.21
C ARG A 283 1.77 21.26 2.24
N ASP A 284 1.42 22.28 1.46
CA ASP A 284 0.02 22.70 1.34
C ASP A 284 -0.76 21.67 0.53
N PRO A 285 -1.69 20.96 1.19
CA PRO A 285 -2.45 19.88 0.55
C PRO A 285 -3.34 20.38 -0.60
N ALA A 286 -3.71 21.66 -0.56
CA ALA A 286 -4.54 22.24 -1.60
C ALA A 286 -3.74 22.49 -2.88
N GLN A 287 -2.44 22.74 -2.71
CA GLN A 287 -1.55 23.00 -3.84
C GLN A 287 -1.02 21.70 -4.42
N ARG A 288 -1.12 20.63 -3.64
CA ARG A 288 -0.65 19.32 -4.05
C ARG A 288 -1.50 18.76 -5.18
N ALA A 289 -0.86 18.17 -6.17
CA ALA A 289 -1.56 17.61 -7.33
C ALA A 289 -2.37 16.37 -6.94
N THR A 290 -3.51 16.20 -7.58
CA THR A 290 -4.35 15.03 -7.34
C THR A 290 -3.91 13.86 -8.23
N ALA A 291 -4.45 12.68 -7.96
CA ALA A 291 -4.09 11.49 -8.73
C ALA A 291 -4.53 11.62 -10.19
N ALA A 292 -5.66 12.30 -10.40
CA ALA A 292 -6.19 12.48 -11.75
C ALA A 292 -5.31 13.40 -12.58
N GLU A 293 -4.74 14.41 -11.93
CA GLU A 293 -3.87 15.37 -12.62
C GLU A 293 -2.52 14.75 -12.95
N LEU A 294 -1.99 13.98 -12.01
CA LEU A 294 -0.66 13.39 -12.16
C LEU A 294 -0.61 12.32 -13.25
N LEU A 295 -1.76 11.75 -13.59
CA LEU A 295 -1.83 10.73 -14.64
C LEU A 295 -1.49 11.32 -16.00
N LYS A 296 -1.61 12.63 -16.13
CA LYS A 296 -1.34 13.31 -17.40
C LYS A 296 0.02 14.00 -17.38
N HIS A 297 0.78 13.79 -16.31
CA HIS A 297 2.09 14.39 -16.18
C HIS A 297 3.08 13.78 -17.17
N PRO A 298 3.87 14.63 -17.84
CA PRO A 298 4.82 14.23 -18.88
C PRO A 298 5.80 13.13 -18.46
N PHE A 299 6.10 13.05 -17.16
CA PHE A 299 7.07 12.06 -16.67
C PHE A 299 6.55 10.63 -16.83
N LEU A 300 5.24 10.45 -16.73
CA LEU A 300 4.66 9.12 -16.82
C LEU A 300 4.63 8.59 -18.26
N ALA A 301 5.05 9.43 -19.20
CA ALA A 301 5.15 9.00 -20.59
C ALA A 301 6.40 8.14 -20.80
N LYS A 302 7.26 8.12 -19.80
CA LYS A 302 8.48 7.32 -19.83
C LYS A 302 8.23 5.92 -19.28
N ALA A 303 7.02 5.69 -18.78
CA ALA A 303 6.66 4.41 -18.18
C ALA A 303 6.74 3.27 -19.19
N GLY A 304 7.60 2.31 -18.92
CA GLY A 304 7.75 1.15 -19.78
C GLY A 304 6.75 0.06 -19.44
N PRO A 305 6.70 -0.99 -20.27
CA PRO A 305 5.81 -2.13 -20.07
C PRO A 305 6.17 -2.91 -18.80
N PRO A 306 5.24 -3.75 -18.31
CA PRO A 306 5.49 -4.57 -17.12
C PRO A 306 6.72 -5.47 -17.26
N ALA A 307 7.10 -5.78 -18.50
CA ALA A 307 8.25 -6.64 -18.76
C ALA A 307 9.57 -5.97 -18.39
N SER A 308 9.55 -4.64 -18.27
CA SER A 308 10.75 -3.88 -17.96
C SER A 308 11.08 -3.91 -16.47
N ILE A 309 10.14 -4.38 -15.67
CA ILE A 309 10.31 -4.46 -14.23
C ILE A 309 10.81 -5.85 -13.82
N VAL A 310 10.56 -6.83 -14.68
CA VAL A 310 10.94 -8.22 -14.44
C VAL A 310 12.41 -8.45 -14.05
N PRO A 311 13.37 -7.77 -14.74
CA PRO A 311 14.77 -8.03 -14.34
C PRO A 311 15.13 -7.56 -12.93
N LEU A 312 14.26 -6.76 -12.31
CA LEU A 312 14.54 -6.25 -10.97
C LEU A 312 14.28 -7.29 -9.88
N MET A 313 13.34 -8.20 -10.14
CA MET A 313 12.92 -9.17 -9.14
C MET A 313 14.05 -10.14 -8.78
N ARG A 314 13.95 -10.71 -7.58
CA ARG A 314 15.03 -11.48 -6.97
C ARG A 314 15.45 -12.70 -7.79
N GLN A 315 14.49 -13.36 -8.44
CA GLN A 315 14.78 -14.57 -9.20
C GLN A 315 15.45 -14.25 -10.54
N ASN A 316 15.68 -12.97 -10.81
CA ASN A 316 16.29 -12.55 -12.06
C ASN A 316 17.47 -11.60 -11.84
N ARG A 317 18.26 -11.87 -10.80
CA ARG A 317 19.42 -11.03 -10.50
C ARG A 317 20.68 -11.86 -10.36
O4 STU B . 3.82 -9.70 3.52
C25 STU B . 4.63 -9.75 2.38
C24 STU B . 5.28 -8.42 2.03
C23 STU B . 5.07 -7.46 3.20
C22 STU B . 3.56 -7.27 3.40
C21 STU B . 2.95 -8.63 3.67
C26 STU B . 2.72 -8.66 5.18
N2 STU B . 1.67 -8.80 2.93
C18 STU B . 1.60 -9.51 1.73
C19 STU B . 2.60 -10.16 0.98
C6 STU B . 2.29 -10.82 -0.21
C7 STU B . 0.95 -10.82 -0.68
C10 STU B . -0.03 -10.16 0.05
C11 STU B . 0.29 -9.51 1.24
C12 STU B . -0.49 -8.76 2.21
C17 STU B . 0.39 -8.34 3.23
C16 STU B . -0.13 -7.58 4.29
C15 STU B . -1.48 -7.29 4.29
C14 STU B . -2.33 -7.71 3.30
C13 STU B . -1.85 -8.45 2.23
C9 STU B . -1.32 -10.33 -0.70
N1 STU B . -0.99 -11.13 -1.90
C8 STU B . 0.32 -11.39 -1.88
O5 STU B . 0.89 -12.03 -2.73
C5 STU B . 3.54 -11.38 -0.71
C20 STU B . 4.54 -11.04 0.23
C1 STU B . 5.87 -11.43 0.04
C2 STU B . 6.15 -12.17 -1.10
C3 STU B . 5.16 -12.51 -2.01
C4 STU B . 3.84 -12.13 -1.85
N3 STU B . 3.93 -10.30 1.23
O6 STU B . 3.00 -6.74 2.21
C27 STU B . 2.30 -5.54 2.57
N4 STU B . 5.73 -6.17 2.94
C28 STU B . 5.62 -5.38 4.18
#